data_8I8G
#
_entry.id   8I8G
#
_cell.length_a   82.288
_cell.length_b   87.074
_cell.length_c   87.951
_cell.angle_alpha   90.00
_cell.angle_beta   90.00
_cell.angle_gamma   90.00
#
_symmetry.space_group_name_H-M   'P 21 21 21'
#
loop_
_entity.id
_entity.type
_entity.pdbx_description
1 polymer 'Viomycin kinase'
2 polymer KBE-DPP-UAL-MYN-DPP-SER
3 non-polymer "ADENOSINE-5'-TRIPHOSPHATE"
4 water water
#
loop_
_entity_poly.entity_id
_entity_poly.type
_entity_poly.pdbx_seq_one_letter_code
_entity_poly.pdbx_strand_id
1 'polypeptide(L)'
;MGILQANRVLLSRLLPGVEPEGLTVRHGQFHQVVIASDRVVCLPRTAAAAARLPRRAAVMRVLAGLDLGCRTPRPLCEGS
AEGAVELPFLVLSRVPGAPLEADALEDSKVAEVVAAQYVTLLSGLASAGADEKVRAALPAPQGRWRQFAADVRAELFPLM
SDGGCRQAERELAALDSLPDITEAVVHGNLGAENVLWVRDDGLPRLSGVIDWDEVSIGDPAEDLAAIGAGYGKDFLDQVL
TLGGWSDRRMATRIATIRATFALQQALSACRDGDEEELADGLTGYR
;
B,A
2 'polypeptide(L)' (KBE)(DPP)(UAL)(MYN)(DPP)S D
#
# COMPACT_ATOMS: atom_id res chain seq x y z
N GLY A 2 -14.35 13.58 23.15
CA GLY A 2 -14.12 12.41 24.03
C GLY A 2 -12.75 11.79 23.81
N ILE A 3 -12.54 11.27 22.60
CA ILE A 3 -11.28 10.62 22.22
C ILE A 3 -10.33 11.67 21.65
N LEU A 4 -10.87 12.61 20.87
CA LEU A 4 -10.09 13.68 20.26
C LEU A 4 -9.42 14.51 21.35
N GLN A 5 -10.20 14.92 22.36
CA GLN A 5 -9.72 15.78 23.43
C GLN A 5 -8.69 15.04 24.27
N ALA A 6 -8.94 13.74 24.53
CA ALA A 6 -8.16 12.96 25.46
C ALA A 6 -6.75 12.72 24.92
N ASN A 7 -6.66 12.41 23.61
CA ASN A 7 -5.39 12.04 22.99
C ASN A 7 -4.91 13.19 22.11
N ARG A 8 -5.08 14.43 22.59
CA ARG A 8 -4.74 15.62 21.83
C ARG A 8 -3.23 15.74 21.68
N VAL A 9 -2.50 15.34 22.73
CA VAL A 9 -1.05 15.49 22.79
C VAL A 9 -0.40 14.47 21.86
N LEU A 10 -0.91 13.24 21.87
CA LEU A 10 -0.36 12.17 21.05
C LEU A 10 -0.61 12.47 19.57
N LEU A 11 -1.81 12.96 19.25
CA LEU A 11 -2.19 13.24 17.88
C LEU A 11 -1.39 14.43 17.33
N SER A 12 -1.01 15.36 18.22
CA SER A 12 -0.23 16.53 17.83
C SER A 12 1.19 16.12 17.42
N ARG A 13 1.65 14.97 17.93
CA ARG A 13 2.92 14.40 17.51
C ARG A 13 2.75 13.70 16.16
N LEU A 14 1.78 12.77 16.10
CA LEU A 14 1.59 11.91 14.95
C LEU A 14 1.09 12.71 13.76
N LEU A 15 0.30 13.76 14.02
CA LEU A 15 -0.21 14.64 12.98
C LEU A 15 0.20 16.07 13.29
N PRO A 16 1.48 16.46 13.05
CA PRO A 16 1.98 17.79 13.39
C PRO A 16 1.18 18.91 12.74
N GLY A 17 0.69 19.84 13.57
CA GLY A 17 0.02 21.04 13.10
C GLY A 17 -1.36 20.76 12.51
N VAL A 18 -1.95 19.61 12.85
CA VAL A 18 -3.27 19.23 12.38
C VAL A 18 -4.26 19.50 13.51
N GLU A 19 -5.33 20.25 13.20
CA GLU A 19 -6.34 20.62 14.17
C GLU A 19 -7.21 19.41 14.47
N PRO A 20 -7.23 18.89 15.72
CA PRO A 20 -8.05 17.74 16.07
C PRO A 20 -9.56 17.93 15.90
N GLU A 21 -10.01 19.19 15.92
CA GLU A 21 -11.41 19.54 15.78
C GLU A 21 -11.96 19.00 14.46
N GLY A 22 -11.14 19.02 13.40
CA GLY A 22 -11.53 18.54 12.09
C GLY A 22 -11.01 17.13 11.80
N LEU A 23 -11.24 16.20 12.74
CA LEU A 23 -10.89 14.80 12.56
C LEU A 23 -12.09 13.94 12.97
N THR A 24 -12.29 12.83 12.24
CA THR A 24 -13.41 11.94 12.47
C THR A 24 -12.94 10.74 13.30
N VAL A 25 -13.89 10.04 13.92
CA VAL A 25 -13.59 8.87 14.72
C VAL A 25 -14.61 7.77 14.42
N ARG A 26 -14.14 6.53 14.25
CA ARG A 26 -14.98 5.36 14.15
C ARG A 26 -14.69 4.47 15.35
N HIS A 27 -15.76 3.96 16.00
CA HIS A 27 -15.63 3.18 17.21
C HIS A 27 -15.32 1.72 16.86
N GLY A 28 -14.25 1.20 17.47
CA GLY A 28 -13.89 -0.20 17.35
C GLY A 28 -14.04 -0.92 18.70
N GLN A 29 -14.03 -2.26 18.65
CA GLN A 29 -14.21 -3.07 19.85
C GLN A 29 -13.03 -2.85 20.80
N PHE A 30 -11.81 -3.01 20.27
CA PHE A 30 -10.60 -2.86 21.05
C PHE A 30 -9.99 -1.49 20.80
N HIS A 31 -9.99 -1.05 19.54
CA HIS A 31 -9.24 0.13 19.13
C HIS A 31 -10.19 1.30 18.86
N GLN A 32 -9.62 2.51 18.78
CA GLN A 32 -10.35 3.71 18.41
C GLN A 32 -9.63 4.39 17.25
N VAL A 33 -10.14 4.18 16.04
CA VAL A 33 -9.48 4.68 14.83
C VAL A 33 -9.81 6.16 14.65
N VAL A 34 -8.78 6.96 14.36
CA VAL A 34 -8.92 8.39 14.13
C VAL A 34 -8.65 8.65 12.65
N ILE A 35 -9.63 9.22 11.95
CA ILE A 35 -9.55 9.39 10.51
C ILE A 35 -8.94 10.75 10.19
N ALA A 36 -7.70 10.74 9.70
CA ALA A 36 -7.07 11.90 9.11
C ALA A 36 -7.27 11.87 7.60
N SER A 37 -6.60 12.79 6.88
CA SER A 37 -6.80 12.94 5.45
C SER A 37 -6.20 11.75 4.69
N ASP A 38 -4.95 11.40 5.03
CA ASP A 38 -4.19 10.41 4.26
C ASP A 38 -3.82 9.20 5.12
N ARG A 39 -4.29 9.15 6.36
CA ARG A 39 -3.88 8.10 7.29
C ARG A 39 -4.89 7.99 8.43
N VAL A 40 -4.76 6.89 9.19
CA VAL A 40 -5.65 6.58 10.30
C VAL A 40 -4.79 6.13 11.49
N VAL A 41 -5.26 6.43 12.70
CA VAL A 41 -4.50 6.15 13.92
C VAL A 41 -5.37 5.30 14.85
N CYS A 42 -4.91 4.07 15.12
CA CYS A 42 -5.60 3.16 16.02
C CYS A 42 -5.13 3.41 17.45
N LEU A 43 -6.07 3.77 18.33
CA LEU A 43 -5.77 4.06 19.73
C LEU A 43 -6.43 3.00 20.61
N PRO A 44 -5.65 2.29 21.46
CA PRO A 44 -6.23 1.32 22.40
C PRO A 44 -7.21 1.94 23.40
N ARG A 45 -8.29 1.22 23.69
CA ARG A 45 -9.23 1.62 24.73
C ARG A 45 -8.71 1.16 26.08
N THR A 46 -8.10 -0.04 26.11
CA THR A 46 -7.55 -0.63 27.31
C THR A 46 -6.12 -1.08 27.03
N ALA A 47 -5.43 -1.53 28.09
CA ALA A 47 -4.09 -2.08 27.98
C ALA A 47 -4.12 -3.40 27.24
N ALA A 48 -5.24 -4.14 27.38
CA ALA A 48 -5.43 -5.40 26.67
C ALA A 48 -5.49 -5.16 25.16
N ALA A 49 -6.15 -4.07 24.76
CA ALA A 49 -6.25 -3.69 23.35
C ALA A 49 -4.88 -3.27 22.81
N ALA A 50 -4.06 -2.69 23.68
CA ALA A 50 -2.73 -2.21 23.30
C ALA A 50 -1.78 -3.39 23.09
N ALA A 51 -2.05 -4.51 23.76
CA ALA A 51 -1.22 -5.70 23.66
C ALA A 51 -1.44 -6.43 22.33
N ARG A 52 -2.60 -6.18 21.69
CA ARG A 52 -2.98 -6.86 20.47
C ARG A 52 -2.42 -6.14 19.24
N LEU A 53 -2.01 -4.87 19.41
CA LEU A 53 -1.59 -4.04 18.29
C LEU A 53 -0.33 -4.57 17.62
N PRO A 54 0.69 -5.06 18.36
CA PRO A 54 1.83 -5.73 17.74
C PRO A 54 1.42 -6.80 16.71
N ARG A 55 0.48 -7.67 17.09
CA ARG A 55 0.00 -8.73 16.22
C ARG A 55 -0.86 -8.13 15.11
N ARG A 56 -1.62 -7.07 15.43
CA ARG A 56 -2.45 -6.37 14.48
C ARG A 56 -1.59 -5.83 13.33
N ALA A 57 -0.42 -5.28 13.68
CA ALA A 57 0.50 -4.68 12.71
C ALA A 57 1.03 -5.75 11.76
N ALA A 58 1.31 -6.94 12.29
CA ALA A 58 1.81 -8.06 11.51
C ALA A 58 0.75 -8.53 10.51
N VAL A 59 -0.52 -8.52 10.95
CA VAL A 59 -1.62 -8.97 10.12
C VAL A 59 -1.79 -8.03 8.93
N MET A 60 -1.76 -6.72 9.19
CA MET A 60 -2.02 -5.73 8.15
C MET A 60 -0.91 -5.74 7.11
N ARG A 61 0.32 -6.07 7.55
CA ARG A 61 1.46 -6.22 6.65
C ARG A 61 1.22 -7.41 5.71
N VAL A 62 0.66 -8.49 6.25
CA VAL A 62 0.40 -9.69 5.47
C VAL A 62 -0.67 -9.39 4.42
N LEU A 63 -1.71 -8.63 4.82
CA LEU A 63 -2.79 -8.25 3.93
C LEU A 63 -2.26 -7.36 2.80
N ALA A 64 -1.28 -6.50 3.13
CA ALA A 64 -0.70 -5.57 2.17
C ALA A 64 0.14 -6.30 1.12
N GLY A 65 0.53 -7.55 1.43
CA GLY A 65 1.34 -8.35 0.52
C GLY A 65 0.52 -9.29 -0.35
N LEU A 66 -0.80 -9.34 -0.15
CA LEU A 66 -1.67 -10.21 -0.90
C LEU A 66 -1.97 -9.61 -2.27
N ASP A 67 -2.49 -10.44 -3.18
CA ASP A 67 -2.86 -10.03 -4.52
C ASP A 67 -4.38 -9.95 -4.62
N LEU A 68 -4.95 -8.89 -4.03
CA LEU A 68 -6.39 -8.69 -3.99
C LEU A 68 -6.83 -7.84 -5.18
N GLY A 69 -5.88 -7.18 -5.84
CA GLY A 69 -6.17 -6.29 -6.94
C GLY A 69 -6.70 -4.93 -6.48
N CYS A 70 -6.41 -4.58 -5.22
CA CYS A 70 -6.87 -3.32 -4.64
C CYS A 70 -6.06 -3.01 -3.38
N ARG A 71 -6.26 -1.80 -2.84
CA ARG A 71 -5.50 -1.32 -1.70
C ARG A 71 -6.05 -1.92 -0.41
N THR A 72 -5.20 -1.90 0.63
CA THR A 72 -5.59 -2.20 1.99
C THR A 72 -4.88 -1.22 2.92
N PRO A 73 -5.31 -1.06 4.19
CA PRO A 73 -4.56 -0.25 5.17
C PRO A 73 -3.14 -0.80 5.35
N ARG A 74 -2.15 0.07 5.20
CA ARG A 74 -0.75 -0.33 5.24
C ARG A 74 -0.12 0.19 6.53
N PRO A 75 0.58 -0.68 7.31
CA PRO A 75 1.29 -0.22 8.51
C PRO A 75 2.34 0.83 8.21
N LEU A 76 2.26 1.97 8.91
CA LEU A 76 3.23 3.05 8.77
C LEU A 76 4.16 3.06 9.98
N CYS A 77 4.13 1.99 10.78
CA CYS A 77 5.03 1.81 11.91
C CYS A 77 6.33 1.16 11.43
N GLU A 78 7.29 1.04 12.36
CA GLU A 78 8.51 0.28 12.11
C GLU A 78 8.15 -1.21 12.06
N GLY A 79 9.07 -2.01 11.50
CA GLY A 79 8.91 -3.46 11.46
C GLY A 79 9.07 -4.09 12.85
N SER A 80 9.88 -3.46 13.70
CA SER A 80 10.19 -3.98 15.03
C SER A 80 9.06 -3.68 16.02
N ALA A 81 8.01 -2.97 15.56
CA ALA A 81 6.84 -2.72 16.36
C ALA A 81 6.05 -4.01 16.60
N GLU A 82 6.19 -4.96 15.68
CA GLU A 82 5.44 -6.21 15.71
C GLU A 82 5.96 -7.12 16.82
N GLY A 83 7.24 -6.97 17.18
CA GLY A 83 7.87 -7.77 18.22
C GLY A 83 7.67 -7.18 19.62
N ALA A 84 7.00 -6.03 19.71
CA ALA A 84 6.79 -5.34 20.97
C ALA A 84 5.67 -6.03 21.76
N VAL A 85 5.67 -5.78 23.08
CA VAL A 85 4.66 -6.32 23.98
C VAL A 85 3.38 -5.51 23.84
N GLU A 86 3.53 -4.18 23.76
CA GLU A 86 2.42 -3.25 23.77
C GLU A 86 2.76 -2.04 22.91
N LEU A 87 1.77 -1.54 22.17
CA LEU A 87 1.92 -0.33 21.37
C LEU A 87 0.89 0.69 21.84
N PRO A 88 1.29 1.96 22.08
CA PRO A 88 0.34 3.01 22.47
C PRO A 88 -0.53 3.50 21.31
N PHE A 89 -0.13 3.16 20.08
CA PHE A 89 -0.89 3.54 18.89
C PHE A 89 -0.47 2.64 17.72
N LEU A 90 -1.21 2.75 16.61
CA LEU A 90 -0.82 2.12 15.36
C LEU A 90 -1.36 2.97 14.21
N VAL A 91 -0.44 3.44 13.35
CA VAL A 91 -0.80 4.30 12.23
C VAL A 91 -0.97 3.45 10.98
N LEU A 92 -2.08 3.69 10.26
CA LEU A 92 -2.38 2.99 9.02
C LEU A 92 -2.63 4.00 7.91
N SER A 93 -2.28 3.64 6.68
CA SER A 93 -2.61 4.44 5.51
C SER A 93 -4.10 4.38 5.25
N ARG A 94 -4.70 5.52 4.88
CA ARG A 94 -6.13 5.60 4.63
C ARG A 94 -6.38 5.28 3.17
N VAL A 95 -7.35 4.39 2.92
CA VAL A 95 -7.73 4.00 1.57
C VAL A 95 -8.60 5.10 0.98
N PRO A 96 -8.23 5.66 -0.20
CA PRO A 96 -9.06 6.69 -0.85
C PRO A 96 -10.31 6.13 -1.50
N GLY A 97 -11.25 7.02 -1.83
CA GLY A 97 -12.51 6.65 -2.46
C GLY A 97 -13.65 6.64 -1.44
N ALA A 98 -14.88 6.40 -1.94
CA ALA A 98 -16.07 6.38 -1.11
C ALA A 98 -16.89 5.12 -1.40
N PRO A 99 -17.86 4.75 -0.53
CA PRO A 99 -18.73 3.60 -0.79
C PRO A 99 -19.60 3.77 -2.03
N LEU A 100 -20.25 2.67 -2.43
CA LEU A 100 -21.11 2.65 -3.61
C LEU A 100 -22.55 2.43 -3.18
N GLU A 101 -23.48 3.11 -3.87
CA GLU A 101 -24.90 2.99 -3.60
C GLU A 101 -25.45 1.76 -4.32
N ALA A 102 -26.62 1.29 -3.86
CA ALA A 102 -27.25 0.10 -4.42
C ALA A 102 -27.91 0.44 -5.77
N ASP A 103 -28.34 1.70 -5.93
CA ASP A 103 -29.07 2.13 -7.11
C ASP A 103 -28.14 2.21 -8.32
N ALA A 104 -26.83 2.29 -8.08
CA ALA A 104 -25.84 2.31 -9.15
C ALA A 104 -25.85 1.00 -9.92
N LEU A 105 -26.24 -0.09 -9.24
CA LEU A 105 -26.19 -1.44 -9.81
C LEU A 105 -27.38 -1.69 -10.73
N GLU A 106 -28.30 -0.73 -10.83
CA GLU A 106 -29.45 -0.85 -11.72
C GLU A 106 -28.98 -0.89 -13.17
N ASP A 107 -27.93 -0.13 -13.49
CA ASP A 107 -27.24 -0.25 -14.76
C ASP A 107 -26.49 -1.57 -14.76
N SER A 108 -26.82 -2.44 -15.73
CA SER A 108 -26.34 -3.81 -15.75
C SER A 108 -24.83 -3.86 -16.01
N LYS A 109 -24.33 -2.91 -16.80
CA LYS A 109 -22.93 -2.91 -17.21
C LYS A 109 -22.04 -2.42 -16.07
N VAL A 110 -22.63 -1.67 -15.13
CA VAL A 110 -21.94 -1.28 -13.91
C VAL A 110 -21.80 -2.50 -13.00
N ALA A 111 -22.89 -3.28 -12.89
CA ALA A 111 -22.92 -4.47 -12.06
C ALA A 111 -21.89 -5.49 -12.54
N GLU A 112 -21.79 -5.65 -13.87
CA GLU A 112 -20.83 -6.58 -14.48
C GLU A 112 -19.41 -6.22 -14.03
N VAL A 113 -19.09 -4.93 -14.11
CA VAL A 113 -17.75 -4.43 -13.77
C VAL A 113 -17.54 -4.54 -12.27
N VAL A 114 -18.53 -4.09 -11.49
CA VAL A 114 -18.44 -4.05 -10.04
C VAL A 114 -18.29 -5.47 -9.49
N ALA A 115 -19.08 -6.42 -10.03
CA ALA A 115 -19.04 -7.80 -9.60
C ALA A 115 -17.67 -8.41 -9.91
N ALA A 116 -17.12 -8.08 -11.09
CA ALA A 116 -15.86 -8.62 -11.54
C ALA A 116 -14.72 -8.26 -10.57
N GLN A 117 -14.79 -7.05 -10.01
CA GLN A 117 -13.77 -6.55 -9.12
C GLN A 117 -13.95 -7.14 -7.71
N TYR A 118 -15.20 -7.42 -7.34
CA TYR A 118 -15.49 -8.17 -6.13
C TYR A 118 -14.93 -9.59 -6.25
N VAL A 119 -15.05 -10.19 -7.44
CA VAL A 119 -14.54 -11.53 -7.69
C VAL A 119 -13.02 -11.53 -7.53
N THR A 120 -12.36 -10.53 -8.13
CA THR A 120 -10.90 -10.42 -8.08
C THR A 120 -10.44 -10.34 -6.63
N LEU A 121 -11.20 -9.62 -5.80
CA LEU A 121 -10.91 -9.47 -4.38
C LEU A 121 -11.06 -10.81 -3.67
N LEU A 122 -12.25 -11.43 -3.82
CA LEU A 122 -12.60 -12.63 -3.09
C LEU A 122 -11.74 -13.82 -3.56
N SER A 123 -11.40 -13.84 -4.85
CA SER A 123 -10.50 -14.84 -5.41
C SER A 123 -9.12 -14.70 -4.79
N GLY A 124 -8.67 -13.45 -4.61
CA GLY A 124 -7.39 -13.16 -3.99
C GLY A 124 -7.34 -13.62 -2.54
N LEU A 125 -8.44 -13.38 -1.81
CA LEU A 125 -8.55 -13.77 -0.41
C LEU A 125 -8.63 -15.29 -0.27
N ALA A 126 -9.30 -15.94 -1.23
CA ALA A 126 -9.52 -17.38 -1.19
C ALA A 126 -8.20 -18.14 -1.38
N SER A 127 -7.46 -17.76 -2.44
CA SER A 127 -6.21 -18.43 -2.77
C SER A 127 -5.12 -18.09 -1.75
N ALA A 128 -5.24 -16.92 -1.11
CA ALA A 128 -4.31 -16.52 -0.06
C ALA A 128 -4.53 -17.37 1.20
N GLY A 129 -5.77 -17.84 1.39
CA GLY A 129 -6.11 -18.69 2.51
C GLY A 129 -5.45 -20.08 2.41
N ALA A 130 -5.07 -20.47 1.20
CA ALA A 130 -4.35 -21.72 0.98
C ALA A 130 -2.89 -21.58 1.42
N ASP A 131 -2.31 -20.40 1.18
CA ASP A 131 -0.93 -20.12 1.56
C ASP A 131 -0.77 -20.30 3.06
N GLU A 132 0.25 -21.08 3.47
CA GLU A 132 0.38 -21.55 4.84
C GLU A 132 0.96 -20.45 5.73
N LYS A 133 1.74 -19.53 5.15
CA LYS A 133 2.30 -18.40 5.89
C LYS A 133 1.20 -17.44 6.29
N VAL A 134 0.17 -17.32 5.44
CA VAL A 134 -0.98 -16.47 5.71
C VAL A 134 -1.85 -17.13 6.79
N ARG A 135 -1.95 -18.46 6.75
CA ARG A 135 -2.70 -19.22 7.73
C ARG A 135 -2.06 -19.09 9.11
N ALA A 136 -0.72 -19.12 9.13
CA ALA A 136 0.04 -19.01 10.37
C ALA A 136 -0.03 -17.60 10.94
N ALA A 137 -0.18 -16.61 10.04
CA ALA A 137 -0.19 -15.20 10.44
C ALA A 137 -1.54 -14.81 11.04
N LEU A 138 -2.63 -15.25 10.39
CA LEU A 138 -3.98 -14.84 10.78
C LEU A 138 -4.55 -15.80 11.82
N PRO A 139 -5.51 -15.36 12.64
CA PRO A 139 -6.24 -16.24 13.55
C PRO A 139 -7.25 -17.12 12.82
N ALA A 140 -7.66 -18.21 13.47
CA ALA A 140 -8.56 -19.18 12.87
C ALA A 140 -9.39 -19.88 13.96
N PRO A 141 -10.38 -19.18 14.57
CA PRO A 141 -11.16 -19.76 15.65
C PRO A 141 -12.04 -20.94 15.21
N GLN A 142 -12.20 -21.91 16.11
CA GLN A 142 -12.98 -23.12 15.84
C GLN A 142 -14.37 -22.97 16.47
N GLY A 143 -15.38 -23.52 15.79
CA GLY A 143 -16.76 -23.49 16.26
C GLY A 143 -17.22 -22.06 16.54
N ARG A 144 -16.94 -21.14 15.61
CA ARG A 144 -17.21 -19.73 15.79
C ARG A 144 -18.72 -19.47 15.71
N TRP A 145 -19.43 -20.29 14.92
CA TRP A 145 -20.85 -20.13 14.71
C TRP A 145 -21.62 -20.48 15.98
N ARG A 146 -21.24 -21.61 16.59
CA ARG A 146 -21.82 -22.05 17.85
C ARG A 146 -21.58 -21.00 18.92
N GLN A 147 -20.37 -20.43 18.93
CA GLN A 147 -19.99 -19.42 19.91
C GLN A 147 -20.72 -18.11 19.64
N PHE A 148 -20.86 -17.76 18.34
CA PHE A 148 -21.54 -16.54 17.94
C PHE A 148 -22.98 -16.54 18.45
N ALA A 149 -23.69 -17.65 18.22
CA ALA A 149 -25.07 -17.79 18.65
C ALA A 149 -25.19 -17.56 20.16
N ALA A 150 -24.22 -18.07 20.91
CA ALA A 150 -24.20 -17.94 22.36
C ALA A 150 -23.97 -16.48 22.77
N ASP A 151 -23.10 -15.78 22.02
CA ASP A 151 -22.81 -14.39 22.28
C ASP A 151 -24.03 -13.52 22.00
N VAL A 152 -24.78 -13.89 20.95
CA VAL A 152 -25.99 -13.15 20.57
C VAL A 152 -27.04 -13.30 21.67
N ARG A 153 -27.29 -14.54 22.09
CA ARG A 153 -28.31 -14.83 23.09
C ARG A 153 -27.96 -14.18 24.43
N ALA A 154 -26.67 -14.07 24.72
CA ALA A 154 -26.20 -13.49 25.98
C ALA A 154 -26.33 -11.96 25.94
N GLU A 155 -25.90 -11.35 24.84
CA GLU A 155 -25.66 -9.92 24.79
C GLU A 155 -26.81 -9.17 24.13
N LEU A 156 -27.43 -9.76 23.09
CA LEU A 156 -28.38 -9.04 22.25
C LEU A 156 -29.83 -9.33 22.65
N PHE A 157 -30.11 -10.56 23.10
CA PHE A 157 -31.47 -10.96 23.46
C PHE A 157 -32.03 -10.06 24.56
N PRO A 158 -31.25 -9.68 25.59
CA PRO A 158 -31.71 -8.70 26.59
C PRO A 158 -32.21 -7.38 26.01
N LEU A 159 -31.64 -6.96 24.87
CA LEU A 159 -32.00 -5.72 24.22
C LEU A 159 -33.18 -5.92 23.27
N MET A 160 -33.59 -7.18 23.06
CA MET A 160 -34.60 -7.52 22.08
C MET A 160 -35.95 -7.73 22.76
N SER A 161 -37.03 -7.67 21.96
CA SER A 161 -38.36 -8.04 22.39
C SER A 161 -38.53 -9.55 22.28
N ASP A 162 -39.66 -10.06 22.79
CA ASP A 162 -39.96 -11.49 22.74
C ASP A 162 -40.06 -11.93 21.28
N GLY A 163 -40.71 -11.11 20.45
CA GLY A 163 -40.84 -11.38 19.03
C GLY A 163 -39.49 -11.39 18.31
N GLY A 164 -38.61 -10.47 18.68
CA GLY A 164 -37.26 -10.40 18.13
C GLY A 164 -36.43 -11.61 18.50
N CYS A 165 -36.63 -12.13 19.71
CA CYS A 165 -35.91 -13.29 20.20
C CYS A 165 -36.35 -14.55 19.47
N ARG A 166 -37.65 -14.65 19.15
CA ARG A 166 -38.18 -15.79 18.43
C ARG A 166 -37.56 -15.85 17.03
N GLN A 167 -37.54 -14.70 16.33
CA GLN A 167 -37.03 -14.64 14.97
C GLN A 167 -35.52 -14.86 14.97
N ALA A 168 -34.85 -14.46 16.06
CA ALA A 168 -33.41 -14.67 16.20
C ALA A 168 -33.11 -16.16 16.33
N GLU A 169 -33.93 -16.88 17.11
CA GLU A 169 -33.73 -18.29 17.37
C GLU A 169 -33.80 -19.09 16.06
N ARG A 170 -34.74 -18.71 15.19
CA ARG A 170 -34.88 -19.35 13.88
C ARG A 170 -33.58 -19.21 13.10
N GLU A 171 -32.99 -18.01 13.14
CA GLU A 171 -31.80 -17.69 12.37
C GLU A 171 -30.57 -18.40 12.95
N LEU A 172 -30.51 -18.49 14.29
CA LEU A 172 -29.37 -19.07 14.98
C LEU A 172 -29.42 -20.60 14.95
N ALA A 173 -30.60 -21.16 14.66
CA ALA A 173 -30.81 -22.60 14.70
C ALA A 173 -29.87 -23.33 13.75
N ALA A 174 -29.72 -22.79 12.52
CA ALA A 174 -29.03 -23.48 11.45
C ALA A 174 -27.52 -23.39 11.59
N LEU A 175 -27.03 -22.53 12.50
CA LEU A 175 -25.62 -22.27 12.65
C LEU A 175 -24.88 -23.52 13.15
N ASP A 176 -25.53 -24.29 14.04
CA ASP A 176 -24.93 -25.47 14.63
C ASP A 176 -24.69 -26.53 13.55
N SER A 177 -25.56 -26.57 12.54
CA SER A 177 -25.50 -27.58 11.49
C SER A 177 -24.44 -27.23 10.45
N LEU A 178 -24.09 -25.94 10.32
CA LEU A 178 -23.13 -25.49 9.32
C LEU A 178 -21.78 -26.18 9.56
N PRO A 179 -21.05 -26.56 8.48
CA PRO A 179 -19.68 -27.05 8.61
C PRO A 179 -18.72 -25.89 8.89
N ASP A 180 -17.69 -26.17 9.70
CA ASP A 180 -16.77 -25.14 10.15
C ASP A 180 -15.63 -25.01 9.13
N ILE A 181 -15.84 -24.15 8.12
CA ILE A 181 -14.91 -23.99 7.02
C ILE A 181 -13.79 -23.03 7.46
N THR A 182 -12.55 -23.39 7.13
CA THR A 182 -11.39 -22.55 7.40
C THR A 182 -10.45 -22.59 6.20
N GLU A 183 -10.94 -22.08 5.06
CA GLU A 183 -10.24 -22.17 3.79
C GLU A 183 -9.70 -20.80 3.40
N ALA A 184 -10.60 -19.82 3.26
CA ALA A 184 -10.27 -18.53 2.68
C ALA A 184 -9.93 -17.52 3.76
N VAL A 185 -9.29 -16.42 3.33
CA VAL A 185 -9.10 -15.25 4.17
C VAL A 185 -10.42 -14.46 4.19
N VAL A 186 -11.02 -14.33 5.38
CA VAL A 186 -12.34 -13.73 5.50
C VAL A 186 -12.20 -12.36 6.15
N HIS A 187 -12.77 -11.35 5.48
CA HIS A 187 -12.82 -9.98 5.99
C HIS A 187 -13.65 -9.97 7.28
N GLY A 188 -14.87 -10.48 7.21
CA GLY A 188 -15.71 -10.56 8.43
C GLY A 188 -16.67 -9.41 8.55
N ASN A 189 -16.53 -8.39 7.73
CA ASN A 189 -17.47 -7.25 7.73
C ASN A 189 -17.34 -6.58 6.36
N LEU A 190 -17.55 -7.36 5.29
CA LEU A 190 -17.47 -6.81 3.93
C LEU A 190 -18.79 -6.12 3.58
N GLY A 191 -19.23 -5.19 4.42
CA GLY A 191 -20.39 -4.40 4.03
C GLY A 191 -20.00 -3.35 2.99
N ALA A 192 -21.02 -2.69 2.42
CA ALA A 192 -20.82 -1.72 1.36
C ALA A 192 -19.92 -0.57 1.82
N GLU A 193 -20.01 -0.22 3.11
CA GLU A 193 -19.30 0.92 3.67
C GLU A 193 -17.80 0.68 3.69
N ASN A 194 -17.39 -0.59 3.86
CA ASN A 194 -15.98 -0.92 4.01
C ASN A 194 -15.33 -1.16 2.64
N VAL A 195 -16.13 -1.23 1.58
CA VAL A 195 -15.61 -1.37 0.23
C VAL A 195 -15.71 0.00 -0.47
N LEU A 196 -14.55 0.62 -0.71
CA LEU A 196 -14.48 1.97 -1.26
C LEU A 196 -14.18 1.90 -2.76
N TRP A 197 -14.71 2.90 -3.49
CA TRP A 197 -14.61 2.92 -4.94
C TRP A 197 -14.19 4.32 -5.41
N VAL A 198 -13.44 4.35 -6.52
CA VAL A 198 -13.09 5.58 -7.21
C VAL A 198 -13.99 5.69 -8.43
N ARG A 199 -14.89 6.69 -8.43
CA ARG A 199 -15.93 6.81 -9.44
C ARG A 199 -15.83 8.19 -10.11
N ASP A 200 -14.65 8.82 -10.03
CA ASP A 200 -14.46 10.17 -10.53
C ASP A 200 -14.36 10.14 -12.05
N ASP A 201 -13.80 9.04 -12.60
CA ASP A 201 -13.70 8.86 -14.04
C ASP A 201 -14.30 7.51 -14.43
N GLY A 202 -15.26 7.55 -15.36
CA GLY A 202 -15.85 6.35 -15.93
C GLY A 202 -16.68 5.56 -14.92
N LEU A 203 -16.74 4.24 -15.11
CA LEU A 203 -17.47 3.35 -14.24
C LEU A 203 -16.69 3.16 -12.94
N PRO A 204 -17.37 2.74 -11.84
CA PRO A 204 -16.71 2.57 -10.54
C PRO A 204 -15.57 1.55 -10.57
N ARG A 205 -14.41 1.94 -10.04
CA ARG A 205 -13.26 1.06 -9.92
C ARG A 205 -12.91 0.90 -8.45
N LEU A 206 -12.62 -0.34 -8.05
CA LEU A 206 -12.37 -0.68 -6.65
C LEU A 206 -11.05 -0.05 -6.22
N SER A 207 -11.13 0.88 -5.26
CA SER A 207 -9.95 1.50 -4.69
C SER A 207 -9.28 0.54 -3.72
N GLY A 208 -10.03 0.11 -2.71
CA GLY A 208 -9.54 -0.82 -1.71
C GLY A 208 -10.62 -1.16 -0.67
N VAL A 209 -10.21 -1.82 0.41
CA VAL A 209 -11.17 -2.26 1.46
C VAL A 209 -10.63 -1.86 2.84
N ILE A 210 -11.52 -1.58 3.79
CA ILE A 210 -11.09 -1.09 5.12
C ILE A 210 -11.76 -1.90 6.24
N ASP A 211 -11.45 -1.61 7.50
CA ASP A 211 -12.01 -2.33 8.68
C ASP A 211 -11.70 -3.81 8.60
N TRP A 212 -10.46 -4.20 8.91
CA TRP A 212 -10.09 -5.63 8.93
C TRP A 212 -9.93 -6.06 10.39
N ASP A 213 -10.78 -5.54 11.27
CA ASP A 213 -10.70 -5.82 12.70
C ASP A 213 -11.08 -7.27 12.97
N GLU A 214 -11.97 -7.83 12.15
CA GLU A 214 -12.49 -9.18 12.37
C GLU A 214 -11.96 -10.14 11.31
N VAL A 215 -10.77 -9.84 10.77
CA VAL A 215 -10.16 -10.65 9.73
C VAL A 215 -9.70 -11.97 10.33
N SER A 216 -9.76 -13.04 9.52
CA SER A 216 -9.43 -14.39 9.97
C SER A 216 -9.33 -15.34 8.78
N ILE A 217 -8.86 -16.56 9.07
CA ILE A 217 -9.04 -17.69 8.16
C ILE A 217 -10.37 -18.34 8.50
N GLY A 218 -11.28 -18.39 7.52
CA GLY A 218 -12.63 -18.89 7.77
C GLY A 218 -13.38 -19.22 6.48
N ASP A 219 -14.71 -19.11 6.56
CA ASP A 219 -15.61 -19.51 5.49
C ASP A 219 -15.81 -18.32 4.53
N PRO A 220 -15.50 -18.47 3.22
CA PRO A 220 -15.68 -17.38 2.27
C PRO A 220 -17.14 -16.99 2.01
N ALA A 221 -18.08 -17.81 2.52
CA ALA A 221 -19.50 -17.51 2.45
C ALA A 221 -19.85 -16.32 3.35
N GLU A 222 -19.02 -16.09 4.38
CA GLU A 222 -19.21 -14.96 5.29
C GLU A 222 -19.19 -13.64 4.52
N ASP A 223 -18.22 -13.50 3.61
CA ASP A 223 -18.04 -12.27 2.84
C ASP A 223 -19.15 -12.15 1.80
N LEU A 224 -19.47 -13.27 1.13
CA LEU A 224 -20.50 -13.30 0.11
C LEU A 224 -21.85 -12.95 0.72
N ALA A 225 -22.09 -13.40 1.95
CA ALA A 225 -23.32 -13.11 2.67
C ALA A 225 -23.46 -11.61 2.90
N ALA A 226 -22.33 -10.97 3.23
CA ALA A 226 -22.28 -9.53 3.45
C ALA A 226 -22.72 -8.79 2.18
N ILE A 227 -22.24 -9.28 1.03
CA ILE A 227 -22.56 -8.70 -0.27
C ILE A 227 -24.05 -8.90 -0.55
N GLY A 228 -24.53 -10.12 -0.28
CA GLY A 228 -25.94 -10.45 -0.43
C GLY A 228 -26.83 -9.60 0.48
N ALA A 229 -26.35 -9.33 1.69
CA ALA A 229 -27.09 -8.53 2.66
C ALA A 229 -27.27 -7.10 2.13
N GLY A 230 -26.21 -6.56 1.53
CA GLY A 230 -26.20 -5.18 1.05
C GLY A 230 -26.93 -5.02 -0.28
N TYR A 231 -26.47 -5.75 -1.30
CA TYR A 231 -26.86 -5.48 -2.68
C TYR A 231 -27.94 -6.43 -3.17
N GLY A 232 -28.11 -7.58 -2.50
CA GLY A 232 -29.30 -8.40 -2.67
C GLY A 232 -29.04 -9.67 -3.49
N LYS A 233 -30.14 -10.19 -4.07
CA LYS A 233 -30.18 -11.51 -4.67
C LYS A 233 -29.46 -11.50 -6.02
N ASP A 234 -29.95 -10.68 -6.95
CA ASP A 234 -29.50 -10.70 -8.33
C ASP A 234 -28.00 -10.44 -8.41
N PHE A 235 -27.53 -9.43 -7.68
CA PHE A 235 -26.13 -9.04 -7.72
C PHE A 235 -25.25 -10.18 -7.19
N LEU A 236 -25.65 -10.78 -6.07
CA LEU A 236 -24.91 -11.87 -5.47
C LEU A 236 -24.71 -12.99 -6.50
N ASP A 237 -25.82 -13.44 -7.10
CA ASP A 237 -25.81 -14.52 -8.07
C ASP A 237 -24.81 -14.21 -9.19
N GLN A 238 -24.76 -12.95 -9.62
CA GLN A 238 -23.84 -12.52 -10.66
C GLN A 238 -22.40 -12.71 -10.17
N VAL A 239 -22.14 -12.36 -8.91
CA VAL A 239 -20.82 -12.50 -8.32
C VAL A 239 -20.47 -13.98 -8.19
N LEU A 240 -21.45 -14.79 -7.77
CA LEU A 240 -21.26 -16.22 -7.61
C LEU A 240 -20.97 -16.87 -8.96
N THR A 241 -21.64 -16.38 -10.02
CA THR A 241 -21.48 -16.93 -11.36
C THR A 241 -20.06 -16.67 -11.87
N LEU A 242 -19.64 -15.39 -11.86
CA LEU A 242 -18.34 -14.99 -12.36
C LEU A 242 -17.23 -15.66 -11.56
N GLY A 243 -17.35 -15.63 -10.23
CA GLY A 243 -16.38 -16.26 -9.34
C GLY A 243 -16.38 -17.78 -9.46
N GLY A 244 -17.55 -18.34 -9.77
CA GLY A 244 -17.71 -19.79 -9.89
C GLY A 244 -17.98 -20.44 -8.53
N TRP A 245 -18.87 -19.81 -7.75
CA TRP A 245 -19.22 -20.27 -6.41
C TRP A 245 -20.74 -20.37 -6.28
N SER A 246 -21.42 -20.67 -7.40
CA SER A 246 -22.87 -20.71 -7.45
C SER A 246 -23.39 -22.12 -7.19
N ASP A 247 -22.53 -22.99 -6.62
CA ASP A 247 -22.90 -24.35 -6.31
C ASP A 247 -23.90 -24.34 -5.14
N ARG A 248 -24.66 -25.44 -5.02
CA ARG A 248 -25.81 -25.51 -4.13
C ARG A 248 -25.35 -25.49 -2.67
N ARG A 249 -24.19 -26.11 -2.40
CA ARG A 249 -23.64 -26.15 -1.04
C ARG A 249 -23.29 -24.74 -0.57
N MET A 250 -22.53 -24.03 -1.42
CA MET A 250 -22.05 -22.70 -1.09
C MET A 250 -23.23 -21.74 -0.91
N ALA A 251 -24.22 -21.84 -1.81
CA ALA A 251 -25.40 -20.99 -1.79
C ALA A 251 -26.16 -21.18 -0.47
N THR A 252 -26.23 -22.43 0.01
CA THR A 252 -26.95 -22.76 1.22
C THR A 252 -26.27 -22.13 2.44
N ARG A 253 -24.93 -22.21 2.47
CA ARG A 253 -24.17 -21.65 3.58
C ARG A 253 -24.34 -20.14 3.63
N ILE A 254 -24.34 -19.49 2.46
CA ILE A 254 -24.50 -18.05 2.36
C ILE A 254 -25.87 -17.65 2.89
N ALA A 255 -26.91 -18.37 2.45
CA ALA A 255 -28.28 -18.09 2.85
C ALA A 255 -28.43 -18.09 4.37
N THR A 256 -27.79 -19.07 5.02
CA THR A 256 -27.87 -19.23 6.46
C THR A 256 -27.18 -18.06 7.17
N ILE A 257 -25.97 -17.74 6.71
CA ILE A 257 -25.13 -16.72 7.34
C ILE A 257 -25.71 -15.34 7.07
N ARG A 258 -26.29 -15.16 5.88
CA ARG A 258 -26.84 -13.88 5.44
C ARG A 258 -27.97 -13.44 6.36
N ALA A 259 -28.72 -14.40 6.91
CA ALA A 259 -29.81 -14.11 7.83
C ALA A 259 -29.27 -13.55 9.15
N THR A 260 -28.10 -14.05 9.56
CA THR A 260 -27.51 -13.71 10.85
C THR A 260 -26.63 -12.45 10.74
N PHE A 261 -26.45 -11.94 9.51
CA PHE A 261 -25.50 -10.87 9.28
C PHE A 261 -25.99 -9.56 9.90
N ALA A 262 -27.31 -9.41 10.03
CA ALA A 262 -27.90 -8.26 10.71
C ALA A 262 -27.48 -8.27 12.19
N LEU A 263 -27.45 -9.48 12.78
CA LEU A 263 -27.09 -9.65 14.18
C LEU A 263 -25.59 -9.45 14.38
N GLN A 264 -24.79 -9.82 13.37
CA GLN A 264 -23.35 -9.64 13.41
C GLN A 264 -23.01 -8.16 13.58
N GLN A 265 -23.73 -7.31 12.84
CA GLN A 265 -23.54 -5.87 12.90
C GLN A 265 -23.97 -5.35 14.28
N ALA A 266 -25.09 -5.86 14.78
CA ALA A 266 -25.63 -5.45 16.06
C ALA A 266 -24.70 -5.84 17.21
N LEU A 267 -24.15 -7.06 17.13
CA LEU A 267 -23.24 -7.57 18.16
C LEU A 267 -21.94 -6.77 18.15
N SER A 268 -21.46 -6.41 16.94
CA SER A 268 -20.25 -5.62 16.79
C SER A 268 -20.45 -4.24 17.38
N ALA A 269 -21.58 -3.60 17.03
CA ALA A 269 -21.89 -2.24 17.48
C ALA A 269 -22.17 -2.21 18.99
N CYS A 270 -22.66 -3.33 19.53
CA CYS A 270 -22.93 -3.46 20.95
C CYS A 270 -21.62 -3.44 21.75
N ARG A 271 -20.59 -4.11 21.20
CA ARG A 271 -19.33 -4.29 21.90
C ARG A 271 -18.48 -3.01 21.83
N ASP A 272 -18.55 -2.28 20.71
CA ASP A 272 -17.77 -1.06 20.54
C ASP A 272 -18.56 0.14 21.06
N GLY A 273 -19.86 -0.04 21.32
CA GLY A 273 -20.69 0.99 21.91
C GLY A 273 -21.02 2.11 20.92
N ASP A 274 -21.64 1.71 19.78
CA ASP A 274 -22.16 2.66 18.81
C ASP A 274 -23.68 2.53 18.81
N GLU A 275 -24.36 3.54 19.37
CA GLU A 275 -25.78 3.45 19.68
C GLU A 275 -26.62 3.48 18.40
N GLU A 276 -26.20 4.30 17.43
CA GLU A 276 -26.93 4.44 16.18
C GLU A 276 -26.77 3.18 15.33
N GLU A 277 -25.54 2.63 15.32
CA GLU A 277 -25.24 1.43 14.56
C GLU A 277 -25.94 0.22 15.19
N LEU A 278 -26.08 0.25 16.52
CA LEU A 278 -26.76 -0.81 17.26
C LEU A 278 -28.26 -0.76 16.98
N ALA A 279 -28.81 0.46 16.89
CA ALA A 279 -30.23 0.65 16.61
C ALA A 279 -30.57 0.14 15.20
N ASP A 280 -29.68 0.40 14.25
CA ASP A 280 -29.86 -0.05 12.88
C ASP A 280 -29.85 -1.57 12.80
N GLY A 281 -28.90 -2.20 13.51
CA GLY A 281 -28.76 -3.64 13.51
C GLY A 281 -29.98 -4.34 14.12
N LEU A 282 -30.55 -3.73 15.16
CA LEU A 282 -31.65 -4.32 15.91
C LEU A 282 -33.00 -3.93 15.28
N THR A 283 -32.97 -3.16 14.19
CA THR A 283 -34.17 -2.81 13.45
C THR A 283 -34.90 -4.08 13.04
N GLY A 284 -36.10 -4.28 13.62
CA GLY A 284 -36.89 -5.48 13.40
C GLY A 284 -36.95 -6.35 14.65
N TYR A 285 -35.84 -6.44 15.38
CA TYR A 285 -35.75 -7.23 16.59
C TYR A 285 -36.20 -6.41 17.80
N ARG A 286 -36.43 -5.10 17.59
CA ARG A 286 -36.96 -4.20 18.60
C ARG A 286 -35.90 -4.01 19.70
N GLY B 2 -2.28 8.02 -31.62
CA GLY B 2 -1.32 8.23 -30.51
C GLY B 2 -1.10 6.94 -29.70
N ILE B 3 -0.55 7.11 -28.50
CA ILE B 3 -0.25 5.99 -27.61
C ILE B 3 -1.54 5.52 -26.94
N LEU B 4 -2.43 6.48 -26.66
CA LEU B 4 -3.69 6.21 -25.99
C LEU B 4 -4.64 5.45 -26.92
N GLN B 5 -4.70 5.88 -28.19
CA GLN B 5 -5.56 5.25 -29.18
C GLN B 5 -5.12 3.81 -29.42
N ALA B 6 -3.80 3.59 -29.49
CA ALA B 6 -3.24 2.29 -29.79
C ALA B 6 -3.62 1.26 -28.73
N ASN B 7 -3.72 1.70 -27.47
CA ASN B 7 -3.95 0.81 -26.34
C ASN B 7 -5.37 0.98 -25.78
N ARG B 8 -6.31 1.44 -26.63
CA ARG B 8 -7.66 1.74 -26.18
C ARG B 8 -8.37 0.45 -25.73
N VAL B 9 -8.03 -0.67 -26.39
CA VAL B 9 -8.59 -1.96 -26.04
C VAL B 9 -8.22 -2.30 -24.59
N LEU B 10 -6.94 -2.10 -24.26
CA LEU B 10 -6.43 -2.41 -22.93
C LEU B 10 -7.01 -1.42 -21.91
N LEU B 11 -7.01 -0.13 -22.26
CA LEU B 11 -7.46 0.92 -21.37
C LEU B 11 -8.95 0.77 -21.07
N SER B 12 -9.72 0.26 -22.03
CA SER B 12 -11.14 0.03 -21.85
C SER B 12 -11.38 -1.08 -20.82
N ARG B 13 -10.48 -2.09 -20.79
CA ARG B 13 -10.54 -3.15 -19.82
C ARG B 13 -10.09 -2.63 -18.45
N LEU B 14 -8.88 -2.08 -18.40
CA LEU B 14 -8.25 -1.68 -17.14
C LEU B 14 -8.98 -0.50 -16.52
N LEU B 15 -9.44 0.44 -17.36
CA LEU B 15 -10.11 1.64 -16.92
C LEU B 15 -11.46 1.76 -17.62
N PRO B 16 -12.50 1.00 -17.20
CA PRO B 16 -13.79 1.01 -17.89
C PRO B 16 -14.50 2.36 -17.79
N GLY B 17 -14.87 2.92 -18.95
CA GLY B 17 -15.65 4.15 -19.03
C GLY B 17 -14.76 5.39 -19.11
N VAL B 18 -13.46 5.25 -18.78
CA VAL B 18 -12.54 6.36 -18.71
C VAL B 18 -12.17 6.77 -20.14
N GLU B 19 -12.38 8.05 -20.46
CA GLU B 19 -12.03 8.59 -21.76
C GLU B 19 -10.50 8.59 -21.91
N PRO B 20 -9.94 7.79 -22.84
CA PRO B 20 -8.48 7.70 -23.01
C PRO B 20 -7.77 9.05 -23.22
N GLU B 21 -8.40 9.94 -23.99
CA GLU B 21 -7.80 11.21 -24.35
C GLU B 21 -7.78 12.18 -23.17
N GLY B 22 -8.53 11.86 -22.12
CA GLY B 22 -8.49 12.61 -20.87
C GLY B 22 -7.23 12.33 -20.06
N LEU B 23 -6.64 11.15 -20.26
CA LEU B 23 -5.51 10.68 -19.47
C LEU B 23 -4.22 11.35 -19.96
N THR B 24 -3.18 11.25 -19.12
CA THR B 24 -1.84 11.74 -19.44
C THR B 24 -0.90 10.54 -19.54
N VAL B 25 0.16 10.68 -20.35
CA VAL B 25 1.14 9.63 -20.53
C VAL B 25 2.54 10.21 -20.30
N ARG B 26 3.22 9.71 -19.27
CA ARG B 26 4.58 10.12 -18.98
C ARG B 26 5.54 9.16 -19.66
N HIS B 27 5.99 9.57 -20.87
CA HIS B 27 6.93 8.79 -21.66
C HIS B 27 8.30 8.78 -20.99
N GLY B 28 8.53 7.75 -20.15
CA GLY B 28 9.79 7.58 -19.45
C GLY B 28 10.85 6.92 -20.32
N GLN B 29 11.85 6.32 -19.68
CA GLN B 29 12.99 5.74 -20.37
C GLN B 29 12.61 4.38 -20.95
N PHE B 30 12.22 3.45 -20.05
CA PHE B 30 11.96 2.07 -20.43
C PHE B 30 10.45 1.83 -20.62
N HIS B 31 9.64 2.42 -19.73
CA HIS B 31 8.21 2.14 -19.70
C HIS B 31 7.40 3.37 -20.13
N GLN B 32 6.18 3.11 -20.60
CA GLN B 32 5.21 4.15 -20.90
C GLN B 32 4.05 4.06 -19.91
N VAL B 33 4.11 4.88 -18.85
CA VAL B 33 3.12 4.82 -17.79
C VAL B 33 1.94 5.75 -18.15
N VAL B 34 0.73 5.18 -18.15
CA VAL B 34 -0.49 5.92 -18.41
C VAL B 34 -1.06 6.37 -17.07
N ILE B 35 -1.13 7.69 -16.87
CA ILE B 35 -1.52 8.25 -15.59
C ILE B 35 -3.04 8.34 -15.53
N ALA B 36 -3.64 7.46 -14.71
CA ALA B 36 -5.06 7.52 -14.39
C ALA B 36 -5.23 8.26 -13.06
N SER B 37 -6.48 8.32 -12.57
CA SER B 37 -6.81 9.10 -11.39
C SER B 37 -6.15 8.51 -10.14
N ASP B 38 -6.25 7.18 -9.98
CA ASP B 38 -5.80 6.52 -8.77
C ASP B 38 -4.81 5.40 -9.08
N ARG B 39 -4.29 5.36 -10.32
CA ARG B 39 -3.40 4.28 -10.72
C ARG B 39 -2.68 4.64 -12.01
N VAL B 40 -1.65 3.84 -12.34
CA VAL B 40 -0.89 4.00 -13.56
C VAL B 40 -0.76 2.63 -14.24
N VAL B 41 -0.46 2.65 -15.55
CA VAL B 41 -0.36 1.44 -16.33
C VAL B 41 0.99 1.43 -17.04
N CYS B 42 1.93 0.62 -16.51
CA CYS B 42 3.25 0.48 -17.10
C CYS B 42 3.19 -0.38 -18.35
N LEU B 43 3.81 0.10 -19.44
CA LEU B 43 3.88 -0.63 -20.69
C LEU B 43 5.33 -0.58 -21.20
N PRO B 44 5.91 -1.72 -21.64
CA PRO B 44 7.28 -1.74 -22.15
C PRO B 44 7.39 -1.18 -23.56
N ARG B 45 8.39 -0.31 -23.78
CA ARG B 45 8.64 0.28 -25.08
C ARG B 45 9.38 -0.72 -25.95
N THR B 46 10.53 -1.19 -25.46
CA THR B 46 11.34 -2.18 -26.17
C THR B 46 10.85 -3.58 -25.81
N ALA B 47 11.32 -4.59 -26.55
CA ALA B 47 10.94 -5.97 -26.33
C ALA B 47 11.66 -6.54 -25.10
N ALA B 48 12.82 -5.96 -24.77
CA ALA B 48 13.62 -6.40 -23.64
C ALA B 48 12.91 -6.07 -22.33
N ALA B 49 12.21 -4.93 -22.30
CA ALA B 49 11.49 -4.48 -21.11
C ALA B 49 10.28 -5.38 -20.84
N ALA B 50 9.73 -5.98 -21.89
CA ALA B 50 8.59 -6.88 -21.77
C ALA B 50 8.99 -8.18 -21.07
N ALA B 51 10.26 -8.59 -21.26
CA ALA B 51 10.77 -9.82 -20.70
C ALA B 51 11.05 -9.67 -19.21
N ARG B 52 11.38 -8.44 -18.78
CA ARG B 52 11.75 -8.18 -17.39
C ARG B 52 10.52 -7.81 -16.57
N LEU B 53 9.40 -7.48 -17.24
CA LEU B 53 8.23 -6.92 -16.58
C LEU B 53 7.66 -7.91 -15.55
N PRO B 54 7.63 -9.24 -15.81
CA PRO B 54 7.18 -10.21 -14.82
C PRO B 54 7.88 -10.09 -13.47
N ARG B 55 9.22 -10.07 -13.48
CA ARG B 55 9.99 -9.98 -12.24
C ARG B 55 9.88 -8.58 -11.65
N ARG B 56 9.78 -7.55 -12.50
CA ARG B 56 9.58 -6.20 -12.05
C ARG B 56 8.28 -6.10 -11.26
N ALA B 57 7.21 -6.71 -11.79
CA ALA B 57 5.91 -6.73 -11.13
C ALA B 57 6.01 -7.47 -9.79
N ALA B 58 6.78 -8.57 -9.77
CA ALA B 58 6.98 -9.36 -8.57
C ALA B 58 7.76 -8.57 -7.53
N VAL B 59 8.73 -7.77 -7.99
CA VAL B 59 9.56 -6.96 -7.12
C VAL B 59 8.69 -5.91 -6.44
N MET B 60 7.76 -5.29 -7.19
CA MET B 60 6.94 -4.21 -6.69
C MET B 60 6.01 -4.72 -5.59
N ARG B 61 5.57 -5.98 -5.70
CA ARG B 61 4.71 -6.60 -4.71
C ARG B 61 5.48 -6.83 -3.42
N VAL B 62 6.77 -7.18 -3.54
CA VAL B 62 7.63 -7.43 -2.39
C VAL B 62 7.82 -6.12 -1.62
N LEU B 63 8.01 -5.01 -2.35
CA LEU B 63 8.19 -3.70 -1.75
C LEU B 63 6.91 -3.25 -1.04
N ALA B 64 5.75 -3.72 -1.53
CA ALA B 64 4.46 -3.37 -0.95
C ALA B 64 4.28 -3.99 0.43
N GLY B 65 5.02 -5.08 0.72
CA GLY B 65 4.94 -5.75 2.01
C GLY B 65 6.11 -5.42 2.93
N LEU B 66 6.64 -4.19 2.82
CA LEU B 66 7.71 -3.71 3.68
C LEU B 66 7.20 -2.52 4.49
N ASP B 67 7.63 -2.44 5.75
CA ASP B 67 7.29 -1.33 6.63
C ASP B 67 8.30 -0.21 6.40
N LEU B 68 7.97 0.70 5.47
CA LEU B 68 8.82 1.84 5.16
C LEU B 68 8.23 3.12 5.74
N GLY B 69 7.05 3.01 6.38
CA GLY B 69 6.39 4.16 6.97
C GLY B 69 5.70 5.05 5.94
N CYS B 70 5.46 4.50 4.74
CA CYS B 70 4.85 5.26 3.66
C CYS B 70 4.38 4.30 2.55
N ARG B 71 3.64 4.85 1.59
CA ARG B 71 3.06 4.07 0.51
C ARG B 71 4.12 3.77 -0.56
N THR B 72 3.84 2.75 -1.37
CA THR B 72 4.60 2.45 -2.57
C THR B 72 3.63 1.97 -3.64
N PRO B 73 3.97 2.10 -4.95
CA PRO B 73 3.09 1.60 -6.02
C PRO B 73 2.83 0.10 -5.87
N ARG B 74 1.58 -0.24 -5.52
CA ARG B 74 1.18 -1.62 -5.28
C ARG B 74 0.60 -2.21 -6.56
N PRO B 75 1.10 -3.39 -7.02
CA PRO B 75 0.53 -4.06 -8.19
C PRO B 75 -0.95 -4.41 -8.02
N LEU B 76 -1.75 -4.09 -9.04
CA LEU B 76 -3.18 -4.36 -9.03
C LEU B 76 -3.53 -5.43 -10.06
N CYS B 77 -2.88 -5.38 -11.23
CA CYS B 77 -3.18 -6.31 -12.32
C CYS B 77 -1.94 -6.53 -13.18
N GLU B 78 -1.90 -7.69 -13.86
CA GLU B 78 -0.81 -8.04 -14.76
C GLU B 78 -1.32 -9.05 -15.79
N GLY B 79 -0.80 -8.96 -17.02
CA GLY B 79 -1.19 -9.87 -18.08
C GLY B 79 -0.47 -9.58 -19.39
N SER B 80 -1.20 -9.76 -20.51
CA SER B 80 -0.69 -9.50 -21.85
C SER B 80 -1.83 -9.08 -22.77
N ALA B 81 -1.50 -8.70 -24.01
CA ALA B 81 -2.49 -8.31 -25.00
C ALA B 81 -1.90 -8.46 -26.41
N LEU B 87 1.42 -7.60 -25.86
CA LEU B 87 2.27 -6.63 -25.13
C LEU B 87 1.93 -6.68 -23.64
N PRO B 88 2.83 -7.22 -22.77
CA PRO B 88 2.58 -7.24 -21.32
C PRO B 88 2.30 -5.87 -20.71
N PHE B 89 1.65 -5.88 -19.54
CA PHE B 89 1.30 -4.66 -18.84
C PHE B 89 1.34 -4.89 -17.32
N LEU B 90 1.45 -3.79 -16.57
CA LEU B 90 1.45 -3.83 -15.12
C LEU B 90 0.75 -2.59 -14.58
N VAL B 91 -0.31 -2.82 -13.80
CA VAL B 91 -1.08 -1.74 -13.19
C VAL B 91 -0.55 -1.52 -11.77
N LEU B 92 -0.09 -0.30 -11.49
CA LEU B 92 0.41 0.05 -10.18
C LEU B 92 -0.47 1.14 -9.56
N SER B 93 -0.54 1.17 -8.23
CA SER B 93 -1.29 2.19 -7.53
C SER B 93 -0.56 3.53 -7.64
N ARG B 94 -1.33 4.61 -7.75
CA ARG B 94 -0.78 5.96 -7.87
C ARG B 94 -0.64 6.56 -6.49
N VAL B 95 0.62 6.77 -6.06
CA VAL B 95 0.91 7.39 -4.78
C VAL B 95 0.46 8.85 -4.84
N PRO B 96 -0.45 9.30 -3.95
CA PRO B 96 -0.91 10.68 -3.95
C PRO B 96 0.12 11.64 -3.35
N GLY B 97 -0.12 12.94 -3.53
CA GLY B 97 0.76 13.97 -3.02
C GLY B 97 1.75 14.45 -4.08
N ALA B 98 2.32 15.64 -3.85
CA ALA B 98 3.27 16.25 -4.77
C ALA B 98 4.66 16.25 -4.15
N PRO B 99 5.74 16.47 -4.95
CA PRO B 99 7.08 16.65 -4.41
C PRO B 99 7.22 17.86 -3.48
N LEU B 100 8.41 17.97 -2.86
CA LEU B 100 8.70 19.06 -1.92
C LEU B 100 9.88 19.86 -2.47
N GLU B 101 9.70 21.17 -2.57
CA GLU B 101 10.74 22.08 -3.02
C GLU B 101 11.64 22.43 -1.83
N ALA B 102 12.85 22.94 -2.12
CA ALA B 102 13.84 23.24 -1.11
C ALA B 102 13.45 24.49 -0.32
N ASP B 103 12.53 25.29 -0.88
CA ASP B 103 12.03 26.49 -0.22
C ASP B 103 11.34 26.13 1.10
N ALA B 104 10.71 24.96 1.16
CA ALA B 104 9.96 24.52 2.32
C ALA B 104 10.91 24.20 3.49
N LEU B 105 12.12 23.73 3.18
CA LEU B 105 13.07 23.29 4.18
C LEU B 105 13.70 24.47 4.93
N GLU B 106 13.48 25.70 4.43
CA GLU B 106 13.97 26.90 5.08
C GLU B 106 13.30 27.07 6.45
N ASP B 107 12.06 26.58 6.56
CA ASP B 107 11.39 26.47 7.85
C ASP B 107 12.06 25.35 8.65
N SER B 108 12.44 25.65 9.90
CA SER B 108 13.21 24.74 10.72
C SER B 108 12.36 23.56 11.19
N LYS B 109 11.10 23.85 11.55
CA LYS B 109 10.20 22.86 12.10
C LYS B 109 9.81 21.84 11.03
N VAL B 110 9.78 22.29 9.76
CA VAL B 110 9.45 21.43 8.64
C VAL B 110 10.61 20.46 8.37
N ALA B 111 11.84 20.98 8.43
CA ALA B 111 13.03 20.19 8.17
C ALA B 111 13.10 19.02 9.15
N GLU B 112 12.85 19.29 10.44
CA GLU B 112 12.86 18.27 11.47
C GLU B 112 11.93 17.12 11.10
N VAL B 113 10.71 17.47 10.70
CA VAL B 113 9.69 16.49 10.35
C VAL B 113 10.12 15.74 9.10
N VAL B 114 10.49 16.48 8.05
CA VAL B 114 10.81 15.88 6.76
C VAL B 114 11.99 14.93 6.92
N ALA B 115 13.03 15.37 7.64
CA ALA B 115 14.23 14.58 7.85
C ALA B 115 13.90 13.31 8.64
N ALA B 116 13.03 13.46 9.64
CA ALA B 116 12.67 12.35 10.52
C ALA B 116 11.97 11.25 9.75
N GLN B 117 11.13 11.63 8.78
CA GLN B 117 10.37 10.66 7.99
C GLN B 117 11.27 10.04 6.93
N TYR B 118 12.25 10.80 6.44
CA TYR B 118 13.30 10.27 5.59
C TYR B 118 14.09 9.20 6.33
N VAL B 119 14.37 9.44 7.62
CA VAL B 119 15.10 8.49 8.44
C VAL B 119 14.27 7.20 8.56
N THR B 120 12.97 7.35 8.79
CA THR B 120 12.08 6.21 8.96
C THR B 120 12.04 5.37 7.67
N LEU B 121 12.07 6.06 6.52
CA LEU B 121 12.08 5.40 5.21
C LEU B 121 13.37 4.60 5.04
N LEU B 122 14.51 5.28 5.20
CA LEU B 122 15.81 4.67 5.02
C LEU B 122 16.02 3.53 6.02
N SER B 123 15.49 3.71 7.23
CA SER B 123 15.55 2.68 8.26
C SER B 123 14.84 1.41 7.79
N GLY B 124 13.62 1.59 7.25
CA GLY B 124 12.83 0.49 6.74
C GLY B 124 13.53 -0.23 5.58
N LEU B 125 14.20 0.54 4.72
CA LEU B 125 14.95 0.00 3.60
C LEU B 125 16.16 -0.78 4.11
N ALA B 126 16.83 -0.24 5.14
CA ALA B 126 17.98 -0.88 5.75
C ALA B 126 17.57 -2.22 6.36
N SER B 127 16.49 -2.20 7.15
CA SER B 127 15.99 -3.39 7.82
C SER B 127 15.60 -4.46 6.79
N ALA B 128 14.94 -4.02 5.71
CA ALA B 128 14.41 -4.93 4.70
C ALA B 128 15.53 -5.70 4.01
N GLY B 129 16.71 -5.07 3.88
CA GLY B 129 17.85 -5.67 3.23
C GLY B 129 18.34 -6.93 3.95
N ALA B 130 18.11 -6.99 5.26
CA ALA B 130 18.50 -8.15 6.07
C ALA B 130 17.60 -9.34 5.78
N ASP B 131 16.34 -9.07 5.40
CA ASP B 131 15.35 -10.12 5.17
C ASP B 131 15.78 -10.98 3.99
N GLU B 132 15.85 -12.30 4.22
CA GLU B 132 16.30 -13.26 3.24
C GLU B 132 15.38 -13.25 2.02
N LYS B 133 14.06 -13.14 2.26
CA LYS B 133 13.05 -13.14 1.22
C LYS B 133 13.30 -11.98 0.25
N VAL B 134 13.65 -10.82 0.80
CA VAL B 134 13.84 -9.60 0.01
C VAL B 134 15.10 -9.73 -0.83
N ARG B 135 16.15 -10.34 -0.27
CA ARG B 135 17.44 -10.47 -0.95
C ARG B 135 17.28 -11.36 -2.18
N ALA B 136 16.44 -12.39 -2.08
CA ALA B 136 16.20 -13.33 -3.16
C ALA B 136 15.39 -12.66 -4.27
N ALA B 137 14.43 -11.81 -3.87
CA ALA B 137 13.50 -11.18 -4.80
C ALA B 137 14.21 -10.11 -5.63
N LEU B 138 14.94 -9.21 -4.95
CA LEU B 138 15.59 -8.09 -5.61
C LEU B 138 16.96 -8.50 -6.13
N PRO B 139 17.52 -7.75 -7.11
CA PRO B 139 18.87 -8.03 -7.62
C PRO B 139 19.97 -7.48 -6.73
N ALA B 140 21.20 -7.96 -6.94
CA ALA B 140 22.36 -7.50 -6.19
C ALA B 140 23.62 -7.69 -7.03
N PRO B 141 23.86 -6.85 -8.06
CA PRO B 141 25.04 -6.99 -8.91
C PRO B 141 26.35 -6.76 -8.17
N GLN B 142 27.35 -7.59 -8.50
CA GLN B 142 28.71 -7.43 -7.97
C GLN B 142 29.51 -6.57 -8.93
N GLY B 143 30.27 -5.61 -8.38
CA GLY B 143 31.11 -4.73 -9.17
C GLY B 143 30.30 -3.91 -10.17
N ARG B 144 29.25 -3.26 -9.68
CA ARG B 144 28.41 -2.39 -10.49
C ARG B 144 29.18 -1.12 -10.84
N TRP B 145 30.05 -0.68 -9.92
CA TRP B 145 30.81 0.54 -10.07
C TRP B 145 31.98 0.35 -11.04
N ARG B 146 32.63 -0.82 -10.97
CA ARG B 146 33.74 -1.13 -11.85
C ARG B 146 33.23 -1.40 -13.27
N GLN B 147 32.01 -1.93 -13.37
CA GLN B 147 31.35 -2.09 -14.66
C GLN B 147 30.91 -0.73 -15.19
N PHE B 148 30.45 0.13 -14.29
CA PHE B 148 30.08 1.50 -14.62
C PHE B 148 31.31 2.25 -15.15
N ALA B 149 32.43 2.12 -14.43
CA ALA B 149 33.67 2.82 -14.77
C ALA B 149 34.15 2.43 -16.17
N ALA B 150 33.99 1.15 -16.51
CA ALA B 150 34.40 0.63 -17.80
C ALA B 150 33.55 1.23 -18.92
N ASP B 151 32.26 1.43 -18.64
CA ASP B 151 31.33 2.00 -19.60
C ASP B 151 31.64 3.48 -19.81
N VAL B 152 32.00 4.17 -18.71
CA VAL B 152 32.34 5.59 -18.76
C VAL B 152 33.63 5.75 -19.57
N ARG B 153 34.63 4.90 -19.28
CA ARG B 153 35.91 4.95 -19.96
C ARG B 153 35.73 4.67 -21.46
N ALA B 154 34.78 3.80 -21.79
CA ALA B 154 34.52 3.41 -23.17
C ALA B 154 33.78 4.52 -23.92
N GLU B 155 32.71 5.03 -23.30
CA GLU B 155 31.71 5.83 -24.01
C GLU B 155 31.97 7.32 -23.85
N LEU B 156 32.32 7.77 -22.63
CA LEU B 156 32.34 9.18 -22.31
C LEU B 156 33.72 9.80 -22.50
N PHE B 157 34.79 9.02 -22.26
CA PHE B 157 36.15 9.52 -22.34
C PHE B 157 36.41 10.19 -23.69
N PRO B 158 36.06 9.56 -24.84
CA PRO B 158 36.18 10.21 -26.15
C PRO B 158 35.53 11.59 -26.25
N LEU B 159 34.42 11.78 -25.52
CA LEU B 159 33.66 13.02 -25.57
C LEU B 159 34.25 14.08 -24.63
N MET B 160 35.09 13.64 -23.68
CA MET B 160 35.60 14.50 -22.63
C MET B 160 36.93 15.13 -23.05
N SER B 161 37.33 16.18 -22.33
CA SER B 161 38.59 16.87 -22.57
C SER B 161 39.72 16.11 -21.89
N ASP B 162 40.96 16.54 -22.15
CA ASP B 162 42.14 15.93 -21.55
C ASP B 162 42.09 16.10 -20.04
N GLY B 163 41.86 17.35 -19.60
CA GLY B 163 41.74 17.66 -18.18
C GLY B 163 40.50 17.01 -17.55
N GLY B 164 39.43 16.91 -18.34
CA GLY B 164 38.19 16.28 -17.90
C GLY B 164 38.36 14.78 -17.64
N CYS B 165 39.22 14.13 -18.44
CA CYS B 165 39.49 12.70 -18.29
C CYS B 165 40.29 12.45 -17.02
N ARG B 166 41.20 13.38 -16.68
CA ARG B 166 42.00 13.26 -15.46
C ARG B 166 41.08 13.28 -14.24
N GLN B 167 40.23 14.31 -14.16
CA GLN B 167 39.38 14.55 -13.01
C GLN B 167 38.29 13.49 -12.93
N ALA B 168 37.91 12.91 -14.08
CA ALA B 168 36.96 11.82 -14.13
C ALA B 168 37.59 10.53 -13.61
N GLU B 169 38.87 10.33 -13.94
CA GLU B 169 39.60 9.12 -13.56
C GLU B 169 39.79 9.09 -12.04
N ARG B 170 39.94 10.27 -11.44
CA ARG B 170 40.08 10.41 -10.00
C ARG B 170 38.78 10.00 -9.29
N GLU B 171 37.65 10.27 -9.92
CA GLU B 171 36.34 9.91 -9.39
C GLU B 171 36.10 8.40 -9.50
N LEU B 172 36.55 7.82 -10.63
CA LEU B 172 36.41 6.38 -10.86
C LEU B 172 37.39 5.61 -10.00
N ALA B 173 38.53 6.23 -9.67
CA ALA B 173 39.53 5.63 -8.80
C ALA B 173 38.98 5.48 -7.38
N ALA B 174 38.11 6.41 -6.98
CA ALA B 174 37.54 6.43 -5.65
C ALA B 174 36.55 5.27 -5.45
N LEU B 175 35.95 4.79 -6.55
CA LEU B 175 34.93 3.75 -6.49
C LEU B 175 35.54 2.44 -6.03
N ASP B 176 36.81 2.18 -6.40
CA ASP B 176 37.49 0.95 -6.02
C ASP B 176 37.76 0.92 -4.52
N SER B 177 37.89 2.12 -3.91
CA SER B 177 38.10 2.24 -2.48
C SER B 177 36.86 1.81 -1.70
N LEU B 178 35.68 2.01 -2.28
CA LEU B 178 34.42 1.70 -1.63
C LEU B 178 34.26 0.19 -1.49
N PRO B 179 33.76 -0.32 -0.33
CA PRO B 179 33.46 -1.73 -0.17
C PRO B 179 32.13 -2.11 -0.83
N ASP B 180 32.06 -3.32 -1.38
CA ASP B 180 30.86 -3.80 -2.05
C ASP B 180 29.85 -4.23 -0.99
N ILE B 181 29.13 -3.25 -0.43
CA ILE B 181 28.13 -3.49 0.60
C ILE B 181 26.82 -3.91 -0.06
N THR B 182 26.16 -4.91 0.52
CA THR B 182 24.84 -5.35 0.10
C THR B 182 24.01 -5.68 1.34
N GLU B 183 23.91 -4.72 2.26
CA GLU B 183 23.25 -4.91 3.54
C GLU B 183 21.82 -4.36 3.50
N ALA B 184 21.62 -3.26 2.76
CA ALA B 184 20.37 -2.53 2.76
C ALA B 184 19.73 -2.57 1.38
N VAL B 185 18.42 -2.25 1.33
CA VAL B 185 17.71 -2.03 0.08
C VAL B 185 18.00 -0.60 -0.38
N VAL B 186 18.32 -0.44 -1.66
CA VAL B 186 18.73 0.85 -2.20
C VAL B 186 17.77 1.21 -3.35
N HIS B 187 17.11 2.36 -3.21
CA HIS B 187 16.20 2.87 -4.22
C HIS B 187 16.97 3.14 -5.51
N GLY B 188 18.13 3.80 -5.39
CA GLY B 188 19.05 3.98 -6.50
C GLY B 188 18.89 5.31 -7.21
N ASN B 189 17.71 5.93 -7.08
CA ASN B 189 17.39 7.19 -7.74
C ASN B 189 16.38 7.94 -6.88
N LEU B 190 16.78 8.22 -5.64
CA LEU B 190 15.87 8.78 -4.64
C LEU B 190 15.85 10.30 -4.76
N GLY B 191 15.32 10.79 -5.88
CA GLY B 191 15.25 12.22 -6.16
C GLY B 191 14.07 12.86 -5.43
N ALA B 192 14.03 14.20 -5.46
CA ALA B 192 13.02 14.96 -4.75
C ALA B 192 11.64 14.73 -5.37
N GLU B 193 11.60 14.57 -6.70
CA GLU B 193 10.35 14.44 -7.43
C GLU B 193 9.78 13.03 -7.29
N ASN B 194 10.60 12.08 -6.83
CA ASN B 194 10.17 10.70 -6.63
C ASN B 194 9.58 10.51 -5.24
N VAL B 195 9.80 11.47 -4.34
CA VAL B 195 9.25 11.42 -2.99
C VAL B 195 8.08 12.39 -2.90
N LEU B 196 6.88 11.85 -2.64
CA LEU B 196 5.65 12.63 -2.68
C LEU B 196 5.18 12.91 -1.25
N TRP B 197 4.51 14.06 -1.07
CA TRP B 197 4.24 14.62 0.24
C TRP B 197 2.80 15.15 0.31
N VAL B 198 2.28 15.26 1.54
CA VAL B 198 0.94 15.76 1.80
C VAL B 198 1.03 17.06 2.58
N ARG B 199 0.76 18.18 1.89
CA ARG B 199 0.76 19.51 2.49
C ARG B 199 -0.66 20.07 2.49
N ASP B 200 -0.82 21.21 3.16
CA ASP B 200 -2.14 21.89 3.23
C ASP B 200 -3.05 21.21 4.26
N ASP B 201 -2.55 20.21 4.99
CA ASP B 201 -3.34 19.61 6.09
C ASP B 201 -2.65 19.99 7.38
N GLY B 202 -1.36 19.70 7.46
CA GLY B 202 -0.56 20.13 8.62
C GLY B 202 0.85 20.39 8.11
N LEU B 203 1.84 19.82 8.76
CA LEU B 203 3.21 19.94 8.21
C LEU B 203 3.38 18.77 7.24
N PRO B 204 4.28 18.86 6.26
CA PRO B 204 4.46 17.80 5.26
C PRO B 204 4.55 16.40 5.86
N ARG B 205 3.78 15.46 5.29
CA ARG B 205 3.80 14.07 5.72
C ARG B 205 4.07 13.18 4.50
N LEU B 206 5.10 12.35 4.62
CA LEU B 206 5.56 11.49 3.54
C LEU B 206 4.43 10.56 3.08
N SER B 207 3.90 10.83 1.88
CA SER B 207 2.84 10.02 1.30
C SER B 207 3.41 8.68 0.85
N GLY B 208 4.46 8.74 0.01
CA GLY B 208 5.09 7.53 -0.50
C GLY B 208 6.17 7.83 -1.53
N VAL B 209 6.95 6.80 -1.87
CA VAL B 209 8.03 6.90 -2.84
C VAL B 209 7.64 6.09 -4.07
N ILE B 210 8.07 6.58 -5.23
CA ILE B 210 7.77 5.95 -6.54
C ILE B 210 9.05 5.85 -7.35
N ASP B 211 9.02 5.13 -8.47
CA ASP B 211 10.19 4.97 -9.38
C ASP B 211 11.21 4.04 -8.74
N TRP B 212 10.96 2.74 -8.79
CA TRP B 212 11.89 1.75 -8.19
C TRP B 212 12.49 0.88 -9.30
N ASP B 213 12.86 1.49 -10.42
CA ASP B 213 13.41 0.78 -11.56
C ASP B 213 14.89 0.49 -11.35
N GLU B 214 15.54 1.27 -10.45
CA GLU B 214 16.94 1.08 -10.16
C GLU B 214 17.11 0.46 -8.77
N VAL B 215 16.09 -0.28 -8.31
CA VAL B 215 16.07 -0.83 -6.98
C VAL B 215 16.99 -2.05 -6.93
N SER B 216 17.62 -2.25 -5.77
CA SER B 216 18.59 -3.33 -5.59
C SER B 216 18.96 -3.45 -4.12
N ILE B 217 19.74 -4.50 -3.79
CA ILE B 217 20.40 -4.63 -2.51
C ILE B 217 21.81 -4.06 -2.66
N GLY B 218 22.15 -3.05 -1.86
CA GLY B 218 23.43 -2.37 -1.99
C GLY B 218 23.76 -1.48 -0.80
N ASP B 219 24.48 -0.38 -1.10
CA ASP B 219 25.00 0.52 -0.08
C ASP B 219 24.01 1.67 0.12
N PRO B 220 23.49 1.90 1.35
CA PRO B 220 22.49 2.95 1.58
C PRO B 220 23.02 4.38 1.42
N ALA B 221 24.35 4.52 1.30
CA ALA B 221 24.98 5.80 1.03
C ALA B 221 24.48 6.37 -0.31
N GLU B 222 24.18 5.47 -1.25
CA GLU B 222 23.72 5.84 -2.58
C GLU B 222 22.45 6.70 -2.48
N ASP B 223 21.52 6.28 -1.62
CA ASP B 223 20.27 7.00 -1.42
C ASP B 223 20.52 8.30 -0.63
N LEU B 224 21.42 8.24 0.35
CA LEU B 224 21.78 9.41 1.14
C LEU B 224 22.38 10.48 0.24
N ALA B 225 23.22 10.06 -0.71
CA ALA B 225 23.83 10.97 -1.68
C ALA B 225 22.74 11.64 -2.50
N ALA B 226 21.71 10.87 -2.89
CA ALA B 226 20.62 11.38 -3.70
C ALA B 226 19.84 12.45 -2.95
N ILE B 227 19.63 12.24 -1.65
CA ILE B 227 18.96 13.22 -0.80
C ILE B 227 19.82 14.48 -0.74
N GLY B 228 21.14 14.31 -0.61
CA GLY B 228 22.07 15.41 -0.56
C GLY B 228 22.15 16.18 -1.88
N ALA B 229 22.00 15.46 -3.00
CA ALA B 229 22.01 16.06 -4.32
C ALA B 229 20.77 16.94 -4.50
N GLY B 230 19.64 16.52 -3.92
CA GLY B 230 18.39 17.23 -4.05
C GLY B 230 18.32 18.49 -3.18
N TYR B 231 18.70 18.34 -1.90
CA TYR B 231 18.39 19.34 -0.89
C TYR B 231 19.64 20.01 -0.32
N GLY B 232 20.75 19.26 -0.24
CA GLY B 232 22.06 19.87 0.00
C GLY B 232 22.71 19.38 1.30
N LYS B 233 23.78 20.10 1.70
CA LYS B 233 24.64 19.74 2.81
C LYS B 233 23.85 19.78 4.12
N ASP B 234 23.32 20.97 4.47
CA ASP B 234 22.75 21.23 5.77
C ASP B 234 21.64 20.23 6.08
N PHE B 235 20.81 19.92 5.06
CA PHE B 235 19.68 19.03 5.24
C PHE B 235 20.15 17.59 5.42
N LEU B 236 21.10 17.16 4.59
CA LEU B 236 21.61 15.79 4.66
C LEU B 236 22.24 15.56 6.03
N ASP B 237 23.03 16.53 6.50
CA ASP B 237 23.64 16.48 7.83
C ASP B 237 22.55 16.19 8.87
N GLN B 238 21.41 16.89 8.76
CA GLN B 238 20.31 16.75 9.70
C GLN B 238 19.77 15.33 9.67
N VAL B 239 19.68 14.74 8.47
CA VAL B 239 19.18 13.38 8.29
C VAL B 239 20.20 12.39 8.86
N LEU B 240 21.49 12.65 8.63
CA LEU B 240 22.55 11.78 9.10
C LEU B 240 22.61 11.77 10.63
N THR B 241 22.43 12.94 11.24
CA THR B 241 22.55 13.09 12.68
C THR B 241 21.37 12.41 13.37
N LEU B 242 20.16 12.56 12.81
CA LEU B 242 18.97 11.93 13.36
C LEU B 242 19.05 10.42 13.20
N GLY B 243 19.45 9.96 12.01
CA GLY B 243 19.56 8.55 11.71
C GLY B 243 20.79 7.90 12.35
N GLY B 244 21.78 8.73 12.71
CA GLY B 244 23.02 8.25 13.29
C GLY B 244 23.92 7.62 12.22
N TRP B 245 24.05 8.30 11.08
CA TRP B 245 24.89 7.87 9.98
C TRP B 245 25.88 8.97 9.63
N SER B 246 26.49 9.58 10.65
CA SER B 246 27.36 10.73 10.48
C SER B 246 28.80 10.40 10.89
N ASP B 247 29.27 9.21 10.49
CA ASP B 247 30.67 8.82 10.67
C ASP B 247 31.44 9.18 9.39
N ARG B 248 32.77 9.12 9.48
CA ARG B 248 33.64 9.54 8.38
C ARG B 248 33.49 8.61 7.19
N ARG B 249 33.45 7.30 7.46
CA ARG B 249 33.42 6.29 6.40
C ARG B 249 32.15 6.42 5.57
N MET B 250 31.04 6.75 6.24
CA MET B 250 29.75 6.92 5.56
C MET B 250 29.80 8.19 4.70
N ALA B 251 30.37 9.26 5.26
CA ALA B 251 30.50 10.52 4.54
C ALA B 251 31.39 10.35 3.31
N THR B 252 32.43 9.51 3.44
CA THR B 252 33.36 9.21 2.35
C THR B 252 32.61 8.47 1.24
N ARG B 253 31.82 7.46 1.63
CA ARG B 253 31.04 6.66 0.69
C ARG B 253 30.03 7.54 -0.03
N ILE B 254 29.37 8.43 0.71
CA ILE B 254 28.39 9.35 0.12
C ILE B 254 29.09 10.27 -0.88
N ALA B 255 30.19 10.90 -0.43
CA ALA B 255 30.92 11.86 -1.25
C ALA B 255 31.41 11.22 -2.54
N THR B 256 31.92 9.98 -2.43
CA THR B 256 32.47 9.24 -3.57
C THR B 256 31.37 8.96 -4.58
N ILE B 257 30.21 8.50 -4.11
CA ILE B 257 29.12 8.07 -4.97
C ILE B 257 28.48 9.28 -5.65
N ARG B 258 28.45 10.43 -4.95
CA ARG B 258 27.79 11.62 -5.47
C ARG B 258 28.55 12.16 -6.68
N ALA B 259 29.86 11.90 -6.76
CA ALA B 259 30.69 12.35 -7.86
C ALA B 259 30.23 11.73 -9.18
N THR B 260 29.68 10.51 -9.12
CA THR B 260 29.32 9.75 -10.30
C THR B 260 27.99 10.23 -10.90
N PHE B 261 27.21 10.99 -10.13
CA PHE B 261 25.86 11.37 -10.53
C PHE B 261 25.86 12.15 -11.85
N ALA B 262 26.88 12.98 -12.05
CA ALA B 262 27.02 13.74 -13.28
C ALA B 262 27.32 12.82 -14.45
N LEU B 263 28.18 11.81 -14.21
CA LEU B 263 28.61 10.88 -15.23
C LEU B 263 27.48 9.89 -15.57
N GLN B 264 26.72 9.48 -14.54
CA GLN B 264 25.60 8.56 -14.72
C GLN B 264 24.54 9.20 -15.61
N GLN B 265 24.34 10.51 -15.46
CA GLN B 265 23.40 11.26 -16.28
C GLN B 265 23.88 11.27 -17.72
N ALA B 266 25.19 11.48 -17.91
CA ALA B 266 25.80 11.57 -19.23
C ALA B 266 25.84 10.19 -19.89
N LEU B 267 26.14 9.16 -19.10
CA LEU B 267 26.28 7.81 -19.62
C LEU B 267 24.95 7.32 -20.19
N SER B 268 23.86 7.58 -19.46
CA SER B 268 22.53 7.19 -19.90
C SER B 268 22.11 8.00 -21.13
N ALA B 269 22.34 9.32 -21.06
CA ALA B 269 21.96 10.25 -22.12
C ALA B 269 22.69 9.92 -23.42
N CYS B 270 23.94 9.44 -23.30
CA CYS B 270 24.74 9.02 -24.44
C CYS B 270 24.07 7.87 -25.18
N ARG B 271 23.52 6.91 -24.42
CA ARG B 271 22.98 5.68 -24.98
C ARG B 271 21.64 5.96 -25.67
N ASP B 272 20.82 6.84 -25.08
CA ASP B 272 19.48 7.09 -25.59
C ASP B 272 19.42 8.47 -26.28
N GLY B 273 20.54 8.90 -26.85
CA GLY B 273 20.61 10.09 -27.69
C GLY B 273 19.83 11.27 -27.09
N ASP B 274 20.18 11.64 -25.85
CA ASP B 274 19.65 12.84 -25.22
C ASP B 274 20.76 13.89 -25.18
N GLU B 275 20.64 14.91 -26.03
CA GLU B 275 21.70 15.90 -26.21
C GLU B 275 21.70 16.91 -25.07
N GLU B 276 20.51 17.20 -24.53
CA GLU B 276 20.36 18.19 -23.47
C GLU B 276 20.92 17.64 -22.16
N GLU B 277 20.63 16.36 -21.86
CA GLU B 277 21.09 15.71 -20.65
C GLU B 277 22.61 15.49 -20.72
N LEU B 278 23.08 15.00 -21.87
CA LEU B 278 24.49 14.67 -22.07
C LEU B 278 25.35 15.91 -21.87
N ALA B 279 24.90 17.05 -22.40
CA ALA B 279 25.61 18.31 -22.27
C ALA B 279 25.69 18.72 -20.81
N ASP B 280 24.57 18.57 -20.09
CA ASP B 280 24.46 18.98 -18.69
C ASP B 280 25.39 18.10 -17.84
N GLY B 281 25.42 16.81 -18.12
CA GLY B 281 26.23 15.86 -17.38
C GLY B 281 27.73 16.08 -17.58
N LEU B 282 28.11 16.55 -18.78
CA LEU B 282 29.50 16.71 -19.16
C LEU B 282 29.98 18.14 -18.91
N THR B 283 29.12 18.99 -18.32
CA THR B 283 29.43 20.40 -18.12
C THR B 283 30.85 20.57 -17.60
N GLY B 284 31.18 19.90 -16.49
CA GLY B 284 32.46 20.06 -15.84
C GLY B 284 33.59 19.32 -16.54
N TYR B 285 33.25 18.29 -17.31
CA TYR B 285 34.22 17.33 -17.81
C TYR B 285 34.68 17.67 -19.24
N ARG B 286 34.31 18.87 -19.73
CA ARG B 286 34.82 19.37 -20.99
C ARG B 286 34.66 20.89 -21.03
N SER C 6 19.62 9.42 -11.74
CA SER C 6 19.12 10.01 -12.98
C SER C 6 19.02 11.52 -12.81
#